data_5JV5
#
_entry.id   5JV5
#
_cell.length_a   93.944
_cell.length_b   111.711
_cell.length_c   45.226
_cell.angle_alpha   90.00
_cell.angle_beta   90.00
_cell.angle_gamma   90.00
#
_symmetry.space_group_name_H-M   'P 21 21 2'
#
loop_
_entity.id
_entity.type
_entity.pdbx_description
1 polymer 'Hypoxanthine-guanine phosphoribosyltransferase'
2 non-polymer "GUANOSINE-5'-MONOPHOSPHATE"
3 non-polymer 'SULFATE ION'
4 non-polymer 'MAGNESIUM ION'
5 water water
#
_entity_poly.entity_id   1
_entity_poly.type   'polypeptide(L)'
_entity_poly.pdbx_seq_one_letter_code
;HHHHHHMEPACKYDFATSVLFTEAELHTRMRGVAQRIADDYSNCNLKPLENPLVIVSVLKGSFVFTADMVRILGDFGVPT
RVEFLRASSYGHDTKSCGRVDVKADGLCDIRGKHVLVLEDILDTALTLREVVDSLKKSEPASIKTLVAIDKPGGRKIPFT
AEYVVADVPNVFVVGYGLDYDQSYREVRDVVILKPSVYETWGKELERRKAAGEAKR
;
_entity_poly.pdbx_strand_id   A,B
#
# COMPACT_ATOMS: atom_id res chain seq x y z
N HIS A 5 -16.92 -33.72 22.70
CA HIS A 5 -15.55 -33.20 22.73
C HIS A 5 -15.30 -32.17 21.65
N HIS A 6 -15.10 -30.93 22.06
CA HIS A 6 -14.81 -29.87 21.10
C HIS A 6 -13.41 -30.05 20.52
N MET A 7 -13.31 -29.93 19.20
CA MET A 7 -12.03 -30.05 18.49
C MET A 7 -11.65 -28.67 17.98
N GLU A 8 -10.57 -28.12 18.55
CA GLU A 8 -10.07 -26.82 18.13
C GLU A 8 -8.83 -27.04 17.28
N PRO A 9 -8.88 -26.79 15.98
CA PRO A 9 -7.69 -26.98 15.14
C PRO A 9 -6.62 -25.95 15.44
N ALA A 10 -5.37 -26.34 15.20
CA ALA A 10 -4.25 -25.44 15.45
C ALA A 10 -4.29 -24.25 14.49
N CYS A 11 -3.66 -23.16 14.92
CA CYS A 11 -3.63 -21.93 14.14
C CYS A 11 -2.98 -22.16 12.78
N LYS A 12 -3.45 -21.40 11.78
CA LYS A 12 -2.94 -21.57 10.43
C LYS A 12 -1.46 -21.21 10.34
N TYR A 13 -1.04 -20.19 11.08
CA TYR A 13 0.36 -19.76 11.10
C TYR A 13 1.05 -20.34 12.33
N ASP A 14 2.24 -20.89 12.13
CA ASP A 14 2.99 -21.48 13.23
C ASP A 14 3.65 -20.43 14.12
N PHE A 15 3.42 -19.14 13.87
CA PHE A 15 3.94 -18.08 14.73
C PHE A 15 2.84 -17.41 15.54
N ALA A 16 1.59 -17.77 15.34
CA ALA A 16 0.46 -17.12 15.98
C ALA A 16 -0.39 -18.15 16.74
N THR A 17 -1.07 -17.68 17.78
CA THR A 17 -1.98 -18.53 18.53
C THR A 17 -3.40 -18.50 17.97
N SER A 18 -3.80 -17.42 17.32
CA SER A 18 -5.16 -17.28 16.83
C SER A 18 -5.21 -16.27 15.70
N VAL A 19 -6.12 -16.51 14.75
CA VAL A 19 -6.36 -15.60 13.63
C VAL A 19 -7.70 -14.91 13.87
N LEU A 20 -7.65 -13.58 14.05
CA LEU A 20 -8.86 -12.82 14.36
C LEU A 20 -9.63 -12.43 13.10
N PHE A 21 -8.95 -11.94 12.08
CA PHE A 21 -9.60 -11.50 10.84
C PHE A 21 -8.74 -11.92 9.66
N THR A 22 -9.33 -12.69 8.75
CA THR A 22 -8.63 -13.07 7.53
C THR A 22 -8.73 -11.95 6.50
N GLU A 23 -7.89 -12.07 5.46
CA GLU A 23 -7.91 -11.09 4.38
C GLU A 23 -9.28 -11.03 3.70
N ALA A 24 -9.93 -12.19 3.56
CA ALA A 24 -11.22 -12.23 2.85
C ALA A 24 -12.29 -11.45 3.61
N GLU A 25 -12.43 -11.70 4.92
CA GLU A 25 -13.45 -11.01 5.69
C GLU A 25 -13.10 -9.55 5.93
N LEU A 26 -11.82 -9.19 5.81
CA LEU A 26 -11.45 -7.77 5.85
C LEU A 26 -11.96 -7.06 4.60
N HIS A 27 -11.73 -7.65 3.43
CA HIS A 27 -12.10 -7.01 2.18
C HIS A 27 -13.62 -6.89 2.05
N THR A 28 -14.37 -7.90 2.48
CA THR A 28 -15.82 -7.83 2.41
C THR A 28 -16.35 -6.71 3.31
N ARG A 29 -15.80 -6.58 4.52
CA ARG A 29 -16.16 -5.45 5.37
C ARG A 29 -15.81 -4.13 4.70
N MET A 30 -14.69 -4.09 3.97
CA MET A 30 -14.31 -2.85 3.29
C MET A 30 -15.23 -2.56 2.13
N ARG A 31 -15.69 -3.59 1.42
CA ARG A 31 -16.68 -3.39 0.37
C ARG A 31 -18.00 -2.88 0.95
N GLY A 32 -18.30 -3.26 2.20
CA GLY A 32 -19.46 -2.68 2.85
C GLY A 32 -19.23 -1.24 3.28
N VAL A 33 -18.05 -0.95 3.81
CA VAL A 33 -17.73 0.42 4.21
C VAL A 33 -17.66 1.34 3.00
N ALA A 34 -17.13 0.84 1.89
CA ALA A 34 -17.02 1.65 0.68
C ALA A 34 -18.40 2.09 0.19
N GLN A 35 -19.40 1.23 0.31
CA GLN A 35 -20.75 1.60 -0.12
C GLN A 35 -21.30 2.73 0.73
N ARG A 36 -21.05 2.69 2.04
CA ARG A 36 -21.49 3.79 2.91
C ARG A 36 -20.76 5.09 2.57
N ILE A 37 -19.45 5.00 2.33
CA ILE A 37 -18.69 6.19 1.96
C ILE A 37 -19.20 6.75 0.63
N ALA A 38 -19.51 5.86 -0.33
CA ALA A 38 -20.04 6.32 -1.61
C ALA A 38 -21.41 6.98 -1.44
N ASP A 39 -22.21 6.48 -0.50
CA ASP A 39 -23.51 7.09 -0.25
C ASP A 39 -23.37 8.42 0.49
N ASP A 40 -22.48 8.49 1.48
CA ASP A 40 -22.36 9.72 2.26
C ASP A 40 -21.78 10.86 1.43
N TYR A 41 -20.75 10.57 0.62
CA TYR A 41 -20.14 11.58 -0.23
C TYR A 41 -20.84 11.71 -1.58
N SER A 42 -22.09 11.25 -1.68
CA SER A 42 -22.82 11.34 -2.95
C SER A 42 -23.12 12.79 -3.31
N ASN A 43 -23.35 13.65 -2.34
CA ASN A 43 -23.69 15.05 -2.57
C ASN A 43 -22.47 15.95 -2.64
N CYS A 44 -21.26 15.38 -2.65
CA CYS A 44 -20.03 16.17 -2.70
C CYS A 44 -19.49 16.35 -4.11
N ASN A 45 -19.99 15.60 -5.08
CA ASN A 45 -19.59 15.69 -6.49
C ASN A 45 -18.08 15.44 -6.62
N LEU A 46 -17.72 14.19 -6.35
CA LEU A 46 -16.32 13.76 -6.42
C LEU A 46 -15.99 13.29 -7.84
N LYS A 47 -14.97 13.89 -8.43
CA LYS A 47 -14.46 13.53 -9.75
C LYS A 47 -12.95 13.43 -9.70
N PRO A 48 -12.36 12.56 -10.52
CA PRO A 48 -10.89 12.55 -10.63
C PRO A 48 -10.38 13.91 -11.08
N LEU A 49 -9.20 14.28 -10.54
CA LEU A 49 -8.53 15.54 -10.87
C LEU A 49 -9.31 16.77 -10.40
N GLU A 50 -10.56 16.91 -10.86
CA GLU A 50 -11.33 18.12 -10.53
C GLU A 50 -11.58 18.22 -9.04
N ASN A 51 -12.02 17.13 -8.41
CA ASN A 51 -12.34 17.18 -6.99
C ASN A 51 -12.26 15.79 -6.35
N PRO A 52 -11.07 15.22 -6.20
CA PRO A 52 -10.96 13.90 -5.60
C PRO A 52 -11.01 13.95 -4.08
N LEU A 53 -11.35 12.81 -3.50
CA LEU A 53 -11.33 12.66 -2.05
C LEU A 53 -9.89 12.51 -1.60
N VAL A 54 -9.43 13.43 -0.75
CA VAL A 54 -8.03 13.42 -0.31
C VAL A 54 -7.87 12.38 0.79
N ILE A 55 -7.19 11.28 0.47
CA ILE A 55 -6.93 10.21 1.44
C ILE A 55 -5.60 10.49 2.12
N VAL A 56 -5.65 10.74 3.43
CA VAL A 56 -4.46 11.02 4.23
C VAL A 56 -4.13 9.75 5.00
N SER A 57 -3.11 9.03 4.54
CA SER A 57 -2.71 7.77 5.14
C SER A 57 -1.61 8.01 6.17
N VAL A 58 -1.74 7.40 7.34
CA VAL A 58 -0.81 7.60 8.44
C VAL A 58 0.19 6.46 8.40
N LEU A 59 1.39 6.74 7.92
CA LEU A 59 2.48 5.76 7.88
C LEU A 59 2.82 5.29 9.28
N LYS A 60 3.32 4.06 9.43
CA LYS A 60 3.70 3.20 8.31
C LYS A 60 2.68 2.10 7.99
N GLY A 61 2.12 1.50 9.04
CA GLY A 61 1.29 0.31 8.88
C GLY A 61 0.06 0.50 8.01
N SER A 62 -0.34 1.75 7.76
CA SER A 62 -1.54 1.99 6.98
C SER A 62 -1.35 1.77 5.49
N PHE A 63 -0.12 1.49 5.03
CA PHE A 63 0.11 1.41 3.58
C PHE A 63 -0.62 0.23 2.95
N VAL A 64 -0.76 -0.89 3.68
CA VAL A 64 -1.54 -2.01 3.16
C VAL A 64 -3.02 -1.64 3.09
N PHE A 65 -3.56 -1.14 4.21
CA PHE A 65 -4.96 -0.75 4.24
C PHE A 65 -5.26 0.33 3.21
N THR A 66 -4.36 1.29 3.05
CA THR A 66 -4.57 2.35 2.07
C THR A 66 -4.58 1.81 0.65
N ALA A 67 -3.70 0.84 0.36
CA ALA A 67 -3.63 0.30 -1.00
C ALA A 67 -4.91 -0.43 -1.38
N ASP A 68 -5.44 -1.24 -0.46
CA ASP A 68 -6.67 -1.98 -0.77
C ASP A 68 -7.87 -1.06 -0.80
N MET A 69 -7.94 -0.10 0.12
CA MET A 69 -9.15 0.68 0.28
C MET A 69 -9.41 1.60 -0.91
N VAL A 70 -8.36 2.28 -1.40
CA VAL A 70 -8.55 3.20 -2.53
C VAL A 70 -8.97 2.43 -3.77
N ARG A 71 -8.46 1.20 -3.96
CA ARG A 71 -8.91 0.39 -5.07
C ARG A 71 -10.34 -0.08 -4.88
N ILE A 72 -10.74 -0.37 -3.64
CA ILE A 72 -12.12 -0.74 -3.37
C ILE A 72 -13.03 0.48 -3.47
N LEU A 73 -12.56 1.64 -3.00
CA LEU A 73 -13.34 2.87 -3.16
C LEU A 73 -13.53 3.20 -4.63
N GLY A 74 -12.53 2.94 -5.46
CA GLY A 74 -12.68 3.18 -6.89
C GLY A 74 -13.73 2.31 -7.54
N ASP A 75 -13.91 1.09 -7.03
CA ASP A 75 -14.95 0.22 -7.57
C ASP A 75 -16.35 0.77 -7.33
N PHE A 76 -16.51 1.58 -6.28
CA PHE A 76 -17.79 2.16 -5.93
C PHE A 76 -17.93 3.61 -6.41
N GLY A 77 -17.08 4.04 -7.35
CA GLY A 77 -17.18 5.36 -7.91
C GLY A 77 -16.72 6.48 -6.99
N VAL A 78 -15.69 6.22 -6.20
CA VAL A 78 -15.14 7.21 -5.27
C VAL A 78 -13.71 7.52 -5.69
N PRO A 79 -13.50 8.61 -6.41
CA PRO A 79 -12.14 8.97 -6.83
C PRO A 79 -11.35 9.52 -5.66
N THR A 80 -10.06 9.18 -5.61
CA THR A 80 -9.22 9.55 -4.48
C THR A 80 -7.86 10.02 -4.95
N ARG A 81 -7.16 10.70 -4.04
CA ARG A 81 -5.74 11.01 -4.14
C ARG A 81 -5.12 10.78 -2.78
N VAL A 82 -3.92 10.21 -2.75
CA VAL A 82 -3.32 9.71 -1.52
C VAL A 82 -2.26 10.69 -1.03
N GLU A 83 -2.21 10.86 0.29
CA GLU A 83 -1.16 11.60 0.97
C GLU A 83 -0.71 10.80 2.18
N PHE A 84 0.58 10.88 2.51
CA PHE A 84 1.14 10.09 3.59
C PHE A 84 1.70 11.01 4.67
N LEU A 85 1.50 10.61 5.93
CA LEU A 85 1.97 11.36 7.09
C LEU A 85 2.84 10.47 7.96
N ARG A 86 3.95 11.03 8.43
CA ARG A 86 4.85 10.37 9.37
C ARG A 86 5.33 9.02 8.85
N LEU A 107 1.87 18.94 3.32
CA LEU A 107 1.69 17.69 2.57
C LEU A 107 1.08 18.00 1.19
N CYS A 108 0.05 18.83 1.20
CA CYS A 108 -0.77 19.14 0.03
C CYS A 108 -1.88 20.08 0.47
N ASP A 109 -2.25 21.03 -0.39
CA ASP A 109 -3.31 21.96 -0.03
C ASP A 109 -4.65 21.24 -0.03
N ILE A 110 -5.15 20.90 1.16
CA ILE A 110 -6.46 20.31 1.33
C ILE A 110 -7.53 21.38 1.59
N ARG A 111 -7.18 22.65 1.46
CA ARG A 111 -8.13 23.73 1.75
C ARG A 111 -9.29 23.71 0.75
N GLY A 112 -10.51 23.56 1.26
CA GLY A 112 -11.69 23.46 0.43
C GLY A 112 -12.02 22.07 -0.06
N LYS A 113 -11.13 21.11 0.14
CA LYS A 113 -11.32 19.76 -0.34
C LYS A 113 -11.84 18.86 0.78
N HIS A 114 -12.24 17.65 0.40
CA HIS A 114 -12.73 16.66 1.35
C HIS A 114 -11.58 15.73 1.74
N VAL A 115 -11.44 15.50 3.04
CA VAL A 115 -10.32 14.75 3.60
C VAL A 115 -10.87 13.53 4.34
N LEU A 116 -10.25 12.38 4.11
CA LEU A 116 -10.56 11.15 4.82
C LEU A 116 -9.26 10.56 5.34
N VAL A 117 -9.06 10.63 6.66
CA VAL A 117 -7.84 10.10 7.27
C VAL A 117 -7.98 8.59 7.43
N LEU A 118 -6.90 7.87 7.14
CA LEU A 118 -6.89 6.41 7.23
C LEU A 118 -5.78 5.97 8.18
N GLU A 119 -6.15 5.23 9.21
CA GLU A 119 -5.21 4.55 10.09
C GLU A 119 -5.45 3.06 10.04
N ASP A 120 -4.37 2.28 10.19
CA ASP A 120 -4.49 0.83 10.23
C ASP A 120 -5.16 0.38 11.54
N ILE A 121 -4.83 1.02 12.66
CA ILE A 121 -5.43 0.69 13.94
C ILE A 121 -5.71 1.97 14.71
N LEU A 122 -6.75 1.92 15.54
CA LEU A 122 -7.16 3.05 16.39
C LEU A 122 -7.21 2.57 17.83
N ASP A 123 -6.22 2.97 18.63
CA ASP A 123 -6.08 2.48 19.99
C ASP A 123 -6.33 3.63 20.95
N THR A 124 -5.30 4.35 21.39
CA THR A 124 -5.50 5.43 22.35
C THR A 124 -6.18 6.65 21.72
N ALA A 125 -6.25 6.70 20.40
CA ALA A 125 -6.77 7.82 19.60
C ALA A 125 -6.00 9.12 19.80
N LEU A 126 -4.90 9.12 20.56
CA LEU A 126 -4.16 10.36 20.76
C LEU A 126 -3.50 10.83 19.46
N THR A 127 -3.02 9.90 18.65
CA THR A 127 -2.41 10.27 17.38
C THR A 127 -3.44 10.78 16.39
N LEU A 128 -4.56 10.05 16.26
CA LEU A 128 -5.58 10.45 15.30
C LEU A 128 -6.23 11.78 15.68
N ARG A 129 -6.36 12.04 16.98
CA ARG A 129 -6.93 13.32 17.43
C ARG A 129 -6.04 14.49 17.06
N GLU A 130 -4.72 14.33 17.21
CA GLU A 130 -3.79 15.40 16.88
C GLU A 130 -3.75 15.66 15.38
N VAL A 131 -3.86 14.60 14.57
CA VAL A 131 -3.80 14.76 13.12
C VAL A 131 -5.06 15.46 12.61
N VAL A 132 -6.24 15.05 13.10
CA VAL A 132 -7.49 15.64 12.64
C VAL A 132 -7.53 17.13 12.95
N ASP A 133 -7.25 17.50 14.21
CA ASP A 133 -7.26 18.90 14.60
C ASP A 133 -6.22 19.70 13.84
N SER A 134 -5.13 19.05 13.40
CA SER A 134 -4.11 19.74 12.62
C SER A 134 -4.62 20.06 11.23
N LEU A 135 -5.23 19.07 10.55
CA LEU A 135 -5.71 19.29 9.20
C LEU A 135 -6.85 20.30 9.16
N LYS A 136 -7.63 20.41 10.25
CA LYS A 136 -8.73 21.36 10.27
C LYS A 136 -8.24 22.81 10.32
N LYS A 137 -6.96 23.03 10.66
CA LYS A 137 -6.40 24.37 10.59
C LYS A 137 -6.38 24.88 9.14
N SER A 138 -6.15 24.00 8.18
CA SER A 138 -6.19 24.37 6.77
C SER A 138 -7.59 24.50 6.22
N GLU A 139 -8.62 24.25 7.04
CA GLU A 139 -10.02 24.39 6.69
C GLU A 139 -10.38 23.61 5.43
N PRO A 140 -10.50 22.29 5.51
CA PRO A 140 -11.04 21.53 4.38
C PRO A 140 -12.55 21.61 4.36
N ALA A 141 -13.13 21.17 3.24
CA ALA A 141 -14.59 21.16 3.12
C ALA A 141 -15.23 20.29 4.19
N SER A 142 -14.68 19.09 4.38
CA SER A 142 -15.09 18.20 5.45
C SER A 142 -13.93 17.26 5.73
N ILE A 143 -13.97 16.62 6.90
CA ILE A 143 -12.92 15.67 7.27
C ILE A 143 -13.49 14.59 8.18
N LYS A 144 -13.34 13.34 7.75
CA LYS A 144 -13.76 12.18 8.53
C LYS A 144 -12.56 11.23 8.69
N THR A 145 -12.79 10.10 9.35
CA THR A 145 -11.74 9.12 9.60
C THR A 145 -12.26 7.73 9.30
N LEU A 146 -11.37 6.90 8.74
CA LEU A 146 -11.64 5.49 8.48
C LEU A 146 -10.48 4.68 9.00
N VAL A 147 -10.76 3.74 9.89
CA VAL A 147 -9.74 2.90 10.49
C VAL A 147 -10.05 1.45 10.17
N ALA A 148 -9.01 0.66 9.91
CA ALA A 148 -9.18 -0.75 9.61
C ALA A 148 -9.52 -1.55 10.86
N ILE A 149 -8.74 -1.35 11.92
CA ILE A 149 -8.92 -2.07 13.18
C ILE A 149 -9.20 -1.04 14.27
N ASP A 150 -10.33 -1.18 14.93
CA ASP A 150 -10.66 -0.33 16.08
C ASP A 150 -10.41 -1.11 17.36
N LYS A 151 -9.68 -0.50 18.28
CA LYS A 151 -9.36 -1.08 19.58
C LYS A 151 -10.01 -0.19 20.65
N PRO A 152 -11.33 -0.26 20.79
CA PRO A 152 -12.03 0.76 21.59
C PRO A 152 -11.64 0.78 23.05
N GLY A 153 -11.24 -0.36 23.61
CA GLY A 153 -10.90 -0.43 25.02
C GLY A 153 -9.59 0.22 25.40
N GLY A 154 -8.75 0.54 24.42
CA GLY A 154 -7.44 1.10 24.72
C GLY A 154 -7.38 2.59 24.57
N ARG A 155 -8.52 3.26 24.63
CA ARG A 155 -8.62 4.68 24.33
C ARG A 155 -8.35 5.52 25.56
N LYS A 156 -7.59 6.61 25.36
CA LYS A 156 -7.29 7.57 26.42
C LYS A 156 -8.21 8.77 26.43
N ILE A 157 -8.70 9.17 25.26
CA ILE A 157 -9.63 10.30 25.13
C ILE A 157 -10.82 9.82 24.31
N PRO A 158 -12.00 10.40 24.49
CA PRO A 158 -13.15 9.99 23.66
C PRO A 158 -12.88 10.31 22.20
N PHE A 159 -13.11 9.32 21.34
CA PHE A 159 -12.93 9.51 19.90
C PHE A 159 -13.69 8.41 19.17
N THR A 160 -14.45 8.79 18.15
CA THR A 160 -15.18 7.84 17.32
C THR A 160 -14.84 8.09 15.87
N ALA A 161 -14.38 7.06 15.18
CA ALA A 161 -14.14 7.14 13.75
C ALA A 161 -15.46 7.01 13.00
N GLU A 162 -15.62 7.83 11.96
CA GLU A 162 -16.84 7.77 11.16
C GLU A 162 -17.02 6.42 10.50
N TYR A 163 -15.92 5.75 10.14
CA TYR A 163 -15.99 4.45 9.47
C TYR A 163 -14.99 3.50 10.11
N VAL A 164 -15.46 2.30 10.46
CA VAL A 164 -14.64 1.28 11.10
C VAL A 164 -14.84 -0.03 10.35
N VAL A 165 -13.74 -0.66 9.94
CA VAL A 165 -13.83 -1.92 9.22
C VAL A 165 -14.14 -3.07 10.18
N ALA A 166 -13.37 -3.18 11.27
CA ALA A 166 -13.56 -4.27 12.21
C ALA A 166 -13.13 -3.82 13.59
N ASP A 167 -13.67 -4.49 14.61
CA ASP A 167 -13.36 -4.22 16.00
C ASP A 167 -12.58 -5.38 16.59
N VAL A 168 -11.66 -5.07 17.50
CA VAL A 168 -10.80 -6.06 18.13
C VAL A 168 -10.77 -5.79 19.63
N PRO A 169 -10.78 -6.84 20.47
CA PRO A 169 -10.59 -6.62 21.91
C PRO A 169 -9.23 -6.04 22.25
N ASN A 170 -8.93 -5.93 23.54
CA ASN A 170 -7.73 -5.23 24.01
C ASN A 170 -6.52 -6.17 24.02
N VAL A 171 -6.25 -6.76 22.86
CA VAL A 171 -5.18 -7.72 22.69
C VAL A 171 -4.29 -7.28 21.53
N PHE A 172 -2.98 -7.42 21.71
CA PHE A 172 -2.01 -6.96 20.72
C PHE A 172 -2.00 -7.90 19.52
N VAL A 173 -2.14 -7.32 18.33
CA VAL A 173 -2.25 -8.08 17.09
C VAL A 173 -1.19 -7.59 16.11
N VAL A 174 -0.98 -8.38 15.06
CA VAL A 174 -0.08 -8.04 13.97
C VAL A 174 -0.75 -8.42 12.66
N GLY A 175 -0.13 -8.02 11.55
CA GLY A 175 -0.61 -8.38 10.25
C GLY A 175 -1.47 -7.30 9.62
N TYR A 176 -1.63 -7.39 8.30
CA TYR A 176 -2.36 -6.41 7.49
C TYR A 176 -1.84 -5.00 7.76
N GLY A 177 -0.53 -4.86 7.85
CA GLY A 177 0.09 -3.58 8.12
C GLY A 177 0.57 -3.44 9.55
N LEU A 178 -0.20 -3.97 10.50
CA LEU A 178 0.22 -3.94 11.89
C LEU A 178 1.45 -4.81 12.09
N ASP A 179 2.35 -4.37 12.96
CA ASP A 179 3.67 -4.97 13.06
C ASP A 179 4.01 -5.30 14.50
N TYR A 180 5.11 -6.03 14.65
CA TYR A 180 5.78 -6.25 15.93
C TYR A 180 7.27 -6.02 15.68
N ASP A 181 7.79 -4.90 16.16
CA ASP A 181 9.16 -4.48 15.89
C ASP A 181 9.46 -4.48 14.40
N GLN A 182 8.56 -3.85 13.64
CA GLN A 182 8.65 -3.63 12.20
C GLN A 182 8.52 -4.91 11.38
N SER A 183 8.15 -6.02 12.00
CA SER A 183 8.00 -7.28 11.29
C SER A 183 6.54 -7.75 11.32
N TYR A 184 6.25 -8.75 10.48
CA TYR A 184 4.96 -9.40 10.35
C TYR A 184 3.87 -8.50 9.77
N ARG A 185 4.23 -7.37 9.17
CA ARG A 185 3.23 -6.59 8.43
C ARG A 185 2.70 -7.37 7.23
N GLU A 186 3.54 -8.22 6.63
CA GLU A 186 3.17 -8.97 5.44
C GLU A 186 2.13 -10.04 5.71
N VAL A 187 1.85 -10.36 6.98
CA VAL A 187 0.81 -11.33 7.29
C VAL A 187 -0.51 -10.82 6.75
N ARG A 188 -1.11 -11.57 5.83
CA ARG A 188 -2.34 -11.14 5.18
C ARG A 188 -3.53 -11.07 6.12
N ASP A 189 -3.42 -11.64 7.33
CA ASP A 189 -4.50 -11.65 8.30
C ASP A 189 -4.08 -10.91 9.57
N VAL A 190 -5.07 -10.51 10.34
CA VAL A 190 -4.84 -9.91 11.66
C VAL A 190 -4.84 -11.05 12.67
N VAL A 191 -3.66 -11.36 13.21
CA VAL A 191 -3.47 -12.54 14.06
C VAL A 191 -2.89 -12.11 15.41
N ILE A 192 -2.86 -13.06 16.33
CA ILE A 192 -2.31 -12.87 17.67
C ILE A 192 -1.05 -13.73 17.79
N LEU A 193 0.09 -13.08 18.02
CA LEU A 193 1.35 -13.79 18.07
C LEU A 193 1.45 -14.69 19.30
N LYS A 194 2.21 -15.77 19.16
CA LYS A 194 2.50 -16.63 20.30
C LYS A 194 3.41 -15.89 21.29
N PRO A 195 3.29 -16.20 22.59
CA PRO A 195 4.22 -15.59 23.55
C PRO A 195 5.67 -15.98 23.31
N SER A 196 5.92 -17.17 22.75
CA SER A 196 7.29 -17.59 22.46
C SER A 196 7.95 -16.70 21.41
N VAL A 197 7.18 -15.99 20.59
CA VAL A 197 7.77 -15.08 19.62
C VAL A 197 8.46 -13.92 20.34
N TYR A 198 7.84 -13.41 21.41
CA TYR A 198 8.40 -12.25 22.10
C TYR A 198 9.65 -12.61 22.88
N GLU A 199 9.66 -13.78 23.55
CA GLU A 199 10.80 -14.13 24.37
C GLU A 199 11.98 -14.62 23.52
N THR A 200 11.70 -15.34 22.43
CA THR A 200 12.78 -15.74 21.53
C THR A 200 13.47 -14.52 20.92
N TRP A 201 12.70 -13.47 20.64
CA TRP A 201 13.27 -12.23 20.13
C TRP A 201 13.85 -11.37 21.24
N GLY A 202 13.27 -11.42 22.44
CA GLY A 202 13.88 -10.75 23.57
C GLY A 202 15.25 -11.31 23.91
N LYS A 203 15.38 -12.63 23.90
CA LYS A 203 16.68 -13.28 24.03
C LYS A 203 17.39 -13.14 22.69
N GLU A 204 18.06 -12.00 22.52
CA GLU A 204 18.88 -11.70 21.35
C GLU A 204 19.71 -10.47 21.66
N LEU A 205 20.99 -10.68 21.97
CA LEU A 205 21.81 -9.64 22.57
C LEU A 205 22.99 -9.27 21.68
N HIS B 5 -12.67 -7.77 -42.50
CA HIS B 5 -12.90 -6.65 -41.59
C HIS B 5 -12.40 -6.96 -40.18
N HIS B 6 -12.07 -5.93 -39.41
CA HIS B 6 -11.56 -6.08 -38.06
C HIS B 6 -12.38 -5.22 -37.10
N MET B 7 -12.81 -5.82 -35.99
CA MET B 7 -13.57 -5.13 -34.96
C MET B 7 -12.74 -5.06 -33.69
N GLU B 8 -12.74 -3.89 -33.04
CA GLU B 8 -12.02 -3.69 -31.79
C GLU B 8 -13.01 -3.32 -30.69
N PRO B 9 -13.09 -4.09 -29.61
CA PRO B 9 -14.07 -3.79 -28.56
C PRO B 9 -13.68 -2.55 -27.78
N ALA B 10 -14.69 -1.95 -27.15
CA ALA B 10 -14.46 -0.76 -26.34
C ALA B 10 -13.68 -1.13 -25.09
N CYS B 11 -12.80 -0.21 -24.67
CA CYS B 11 -12.06 -0.41 -23.44
C CYS B 11 -13.00 -0.46 -22.25
N LYS B 12 -12.67 -1.28 -21.25
CA LYS B 12 -13.55 -1.44 -20.10
C LYS B 12 -13.51 -0.24 -19.16
N TYR B 13 -12.69 0.77 -19.44
CA TYR B 13 -12.67 2.01 -18.70
C TYR B 13 -13.06 3.15 -19.63
N ASP B 14 -14.01 3.97 -19.19
CA ASP B 14 -14.47 5.09 -19.99
C ASP B 14 -13.42 6.19 -20.16
N PHE B 15 -12.32 6.12 -19.41
CA PHE B 15 -11.29 7.15 -19.41
C PHE B 15 -10.01 6.71 -20.07
N ALA B 16 -9.92 5.45 -20.53
CA ALA B 16 -8.68 4.91 -21.07
C ALA B 16 -8.91 4.38 -22.48
N THR B 17 -7.89 4.53 -23.31
CA THR B 17 -7.91 3.95 -24.65
C THR B 17 -7.49 2.48 -24.63
N SER B 18 -6.61 2.11 -23.71
CA SER B 18 -6.03 0.77 -23.70
C SER B 18 -5.78 0.32 -22.27
N VAL B 19 -5.80 -1.00 -22.08
CA VAL B 19 -5.46 -1.62 -20.80
C VAL B 19 -4.24 -2.49 -21.05
N LEU B 20 -3.10 -2.09 -20.48
CA LEU B 20 -1.85 -2.79 -20.80
C LEU B 20 -1.67 -4.04 -19.95
N PHE B 21 -1.81 -3.91 -18.63
CA PHE B 21 -1.68 -5.06 -17.73
C PHE B 21 -2.78 -4.97 -16.69
N THR B 22 -3.49 -6.08 -16.49
CA THR B 22 -4.54 -6.11 -15.50
C THR B 22 -3.97 -6.43 -14.12
N GLU B 23 -4.82 -6.28 -13.10
CA GLU B 23 -4.41 -6.60 -11.73
C GLU B 23 -3.99 -8.06 -11.63
N ALA B 24 -4.79 -8.97 -12.21
CA ALA B 24 -4.45 -10.38 -12.16
C ALA B 24 -3.18 -10.68 -12.93
N GLU B 25 -2.99 -10.00 -14.08
CA GLU B 25 -1.80 -10.22 -14.88
C GLU B 25 -0.55 -9.75 -14.14
N LEU B 26 -0.66 -8.64 -13.41
CA LEU B 26 0.48 -8.18 -12.60
C LEU B 26 0.76 -9.14 -11.46
N HIS B 27 -0.28 -9.61 -10.78
CA HIS B 27 -0.09 -10.52 -9.65
C HIS B 27 0.58 -11.81 -10.09
N THR B 28 0.19 -12.33 -11.26
CA THR B 28 0.82 -13.55 -11.76
C THR B 28 2.31 -13.37 -11.97
N ARG B 29 2.70 -12.24 -12.58
CA ARG B 29 4.12 -11.95 -12.73
C ARG B 29 4.79 -11.73 -11.38
N MET B 30 4.08 -11.11 -10.44
CA MET B 30 4.67 -10.84 -9.13
C MET B 30 4.92 -12.13 -8.37
N ARG B 31 4.03 -13.11 -8.48
CA ARG B 31 4.31 -14.42 -7.90
C ARG B 31 5.50 -15.09 -8.59
N GLY B 32 5.66 -14.86 -9.90
CA GLY B 32 6.83 -15.39 -10.58
C GLY B 32 8.12 -14.72 -10.12
N VAL B 33 8.07 -13.41 -9.89
CA VAL B 33 9.23 -12.72 -9.33
C VAL B 33 9.47 -13.15 -7.89
N ALA B 34 8.40 -13.42 -7.15
CA ALA B 34 8.54 -13.84 -5.76
C ALA B 34 9.24 -15.19 -5.65
N GLN B 35 8.95 -16.11 -6.58
CA GLN B 35 9.63 -17.39 -6.57
C GLN B 35 11.12 -17.25 -6.86
N ARG B 36 11.50 -16.28 -7.70
CA ARG B 36 12.91 -16.05 -7.98
C ARG B 36 13.60 -15.41 -6.79
N ILE B 37 12.95 -14.44 -6.14
CA ILE B 37 13.54 -13.79 -4.98
C ILE B 37 13.74 -14.79 -3.85
N ALA B 38 12.78 -15.70 -3.67
CA ALA B 38 12.94 -16.73 -2.66
C ALA B 38 14.11 -17.66 -2.99
N ASP B 39 14.43 -17.82 -4.27
CA ASP B 39 15.56 -18.66 -4.65
C ASP B 39 16.88 -17.90 -4.53
N ASP B 40 16.89 -16.61 -4.88
CA ASP B 40 18.13 -15.83 -4.81
C ASP B 40 18.56 -15.59 -3.38
N TYR B 41 17.60 -15.42 -2.46
CA TYR B 41 17.88 -15.22 -1.04
C TYR B 41 17.72 -16.51 -0.25
N SER B 42 17.89 -17.65 -0.91
CA SER B 42 17.71 -18.94 -0.25
C SER B 42 18.76 -19.17 0.83
N ASN B 43 20.01 -18.80 0.57
CA ASN B 43 21.10 -19.02 1.49
C ASN B 43 21.43 -17.79 2.34
N CYS B 44 20.48 -16.86 2.47
CA CYS B 44 20.68 -15.67 3.29
C CYS B 44 20.10 -15.82 4.69
N ASN B 45 19.37 -16.89 4.96
CA ASN B 45 18.73 -17.14 6.25
C ASN B 45 17.86 -15.96 6.66
N LEU B 46 16.90 -15.64 5.80
CA LEU B 46 15.93 -14.59 6.11
C LEU B 46 14.95 -15.09 7.16
N LYS B 47 14.63 -14.22 8.11
CA LYS B 47 13.77 -14.59 9.23
C LYS B 47 13.14 -13.32 9.78
N PRO B 48 11.88 -13.36 10.21
CA PRO B 48 11.29 -12.17 10.83
C PRO B 48 12.08 -11.73 12.05
N LEU B 49 12.04 -10.43 12.32
CA LEU B 49 12.69 -9.82 13.47
C LEU B 49 14.21 -9.91 13.39
N GLU B 50 14.75 -11.13 13.37
CA GLU B 50 16.20 -11.30 13.43
C GLU B 50 16.87 -10.72 12.18
N ASN B 51 16.52 -11.23 11.01
CA ASN B 51 17.16 -10.82 9.75
C ASN B 51 16.12 -10.79 8.64
N PRO B 52 15.26 -9.77 8.63
CA PRO B 52 14.30 -9.64 7.53
C PRO B 52 14.88 -8.88 6.35
N LEU B 53 14.25 -9.09 5.19
CA LEU B 53 14.63 -8.39 3.97
C LEU B 53 14.07 -6.97 4.04
N VAL B 54 14.96 -5.98 4.11
CA VAL B 54 14.53 -4.59 4.27
C VAL B 54 13.99 -4.09 2.94
N ILE B 55 12.69 -3.83 2.88
CA ILE B 55 12.04 -3.30 1.68
C ILE B 55 12.05 -1.78 1.77
N VAL B 56 12.71 -1.12 0.82
CA VAL B 56 12.72 0.34 0.74
C VAL B 56 11.79 0.74 -0.39
N SER B 57 10.64 1.30 -0.04
CA SER B 57 9.61 1.69 -1.00
C SER B 57 9.73 3.18 -1.29
N VAL B 58 9.67 3.53 -2.57
CA VAL B 58 9.86 4.90 -3.03
C VAL B 58 8.47 5.53 -3.20
N LEU B 59 8.07 6.35 -2.23
CA LEU B 59 6.80 7.07 -2.27
C LEU B 59 6.69 7.94 -3.53
N LYS B 60 5.47 8.19 -4.01
CA LYS B 60 4.23 7.76 -3.38
C LYS B 60 3.59 6.56 -4.08
N GLY B 61 3.66 6.55 -5.41
CA GLY B 61 2.98 5.56 -6.22
C GLY B 61 3.34 4.13 -5.92
N SER B 62 4.44 3.89 -5.20
CA SER B 62 4.84 2.51 -4.92
C SER B 62 4.05 1.87 -3.78
N PHE B 63 3.18 2.62 -3.11
CA PHE B 63 2.51 2.06 -1.94
C PHE B 63 1.58 0.92 -2.32
N VAL B 64 0.97 0.97 -3.50
CA VAL B 64 0.15 -0.15 -3.95
C VAL B 64 1.03 -1.35 -4.28
N PHE B 65 2.08 -1.12 -5.08
CA PHE B 65 2.98 -2.21 -5.44
C PHE B 65 3.72 -2.75 -4.22
N THR B 66 4.00 -1.90 -3.23
CA THR B 66 4.68 -2.38 -2.03
C THR B 66 3.75 -3.24 -1.18
N ALA B 67 2.49 -2.84 -1.06
CA ALA B 67 1.55 -3.59 -0.24
C ALA B 67 1.28 -4.97 -0.82
N ASP B 68 1.13 -5.07 -2.14
CA ASP B 68 0.85 -6.36 -2.76
C ASP B 68 2.08 -7.26 -2.76
N MET B 69 3.23 -6.72 -3.19
CA MET B 69 4.43 -7.56 -3.33
C MET B 69 4.91 -8.06 -1.96
N VAL B 70 4.81 -7.22 -0.93
CA VAL B 70 5.25 -7.63 0.40
C VAL B 70 4.44 -8.81 0.90
N ARG B 71 3.12 -8.81 0.64
CA ARG B 71 2.30 -9.95 1.03
C ARG B 71 2.61 -11.18 0.18
N ILE B 72 2.86 -10.98 -1.11
CA ILE B 72 3.19 -12.12 -1.97
C ILE B 72 4.53 -12.72 -1.56
N LEU B 73 5.50 -11.88 -1.19
CA LEU B 73 6.77 -12.39 -0.70
C LEU B 73 6.58 -13.22 0.57
N GLY B 74 5.62 -12.85 1.42
CA GLY B 74 5.32 -13.67 2.59
C GLY B 74 4.80 -15.04 2.23
N ASP B 75 4.02 -15.14 1.16
CA ASP B 75 3.52 -16.45 0.73
C ASP B 75 4.65 -17.37 0.33
N PHE B 76 5.74 -16.82 -0.23
CA PHE B 76 6.89 -17.58 -0.64
C PHE B 76 7.98 -17.61 0.42
N GLY B 77 7.63 -17.40 1.68
CA GLY B 77 8.59 -17.52 2.77
C GLY B 77 9.66 -16.46 2.80
N VAL B 78 9.37 -15.26 2.29
CA VAL B 78 10.35 -14.18 2.29
C VAL B 78 9.89 -13.11 3.28
N PRO B 79 10.44 -13.10 4.49
CA PRO B 79 10.02 -12.09 5.48
C PRO B 79 10.61 -10.73 5.15
N THR B 80 9.79 -9.70 5.31
CA THR B 80 10.18 -8.35 4.94
C THR B 80 9.83 -7.36 6.04
N ARG B 81 10.57 -6.24 6.05
CA ARG B 81 10.22 -5.07 6.85
C ARG B 81 10.31 -3.86 5.93
N VAL B 82 9.39 -2.92 6.09
CA VAL B 82 9.16 -1.87 5.10
C VAL B 82 9.76 -0.56 5.58
N GLU B 83 10.34 0.19 4.64
CA GLU B 83 10.73 1.58 4.84
C GLU B 83 10.23 2.39 3.65
N PHE B 84 9.94 3.67 3.89
CA PHE B 84 9.39 4.54 2.86
C PHE B 84 10.27 5.77 2.70
N LEU B 85 10.34 6.25 1.46
CA LEU B 85 11.15 7.43 1.13
C LEU B 85 10.29 8.54 0.54
N ASP B 109 18.39 1.37 10.41
CA ASP B 109 19.46 1.40 9.43
C ASP B 109 19.67 0.00 8.83
N ILE B 110 20.32 -0.05 7.67
CA ILE B 110 20.42 -1.26 6.87
C ILE B 110 21.83 -1.84 6.89
N ARG B 111 22.69 -1.38 7.80
CA ARG B 111 24.07 -1.85 7.82
C ARG B 111 24.12 -3.34 8.12
N GLY B 112 24.65 -4.11 7.16
CA GLY B 112 24.73 -5.54 7.28
C GLY B 112 23.47 -6.31 6.93
N LYS B 113 22.41 -5.62 6.50
CA LYS B 113 21.16 -6.24 6.13
C LYS B 113 20.98 -6.22 4.62
N HIS B 114 20.19 -7.17 4.13
CA HIS B 114 19.85 -7.22 2.71
C HIS B 114 18.75 -6.22 2.39
N VAL B 115 18.93 -5.50 1.28
CA VAL B 115 18.04 -4.41 0.91
C VAL B 115 17.44 -4.69 -0.47
N LEU B 116 16.15 -4.43 -0.61
CA LEU B 116 15.45 -4.54 -1.88
C LEU B 116 14.66 -3.26 -2.08
N VAL B 117 15.11 -2.43 -3.01
CA VAL B 117 14.43 -1.16 -3.31
C VAL B 117 13.28 -1.43 -4.25
N LEU B 118 12.10 -0.93 -3.90
CA LEU B 118 10.89 -1.09 -4.71
C LEU B 118 10.46 0.26 -5.24
N GLU B 119 10.16 0.31 -6.54
CA GLU B 119 9.68 1.53 -7.17
C GLU B 119 8.56 1.17 -8.14
N ASP B 120 7.53 2.02 -8.19
CA ASP B 120 6.36 1.71 -9.00
C ASP B 120 6.68 1.70 -10.48
N ILE B 121 7.48 2.65 -10.95
CA ILE B 121 7.86 2.73 -12.36
C ILE B 121 9.32 3.17 -12.47
N LEU B 122 10.02 2.59 -13.44
CA LEU B 122 11.42 2.89 -13.70
C LEU B 122 11.51 3.51 -15.10
N ASP B 123 11.64 4.83 -15.17
CA ASP B 123 11.63 5.55 -16.44
C ASP B 123 13.02 6.04 -16.73
N THR B 124 13.42 7.22 -16.24
CA THR B 124 14.74 7.76 -16.51
C THR B 124 15.81 7.19 -15.61
N ALA B 125 15.42 6.52 -14.51
CA ALA B 125 16.31 5.89 -13.53
C ALA B 125 17.13 6.90 -12.74
N LEU B 126 16.90 8.20 -12.92
CA LEU B 126 17.65 9.20 -12.17
C LEU B 126 17.33 9.12 -10.68
N THR B 127 16.06 8.87 -10.33
CA THR B 127 15.69 8.77 -8.92
C THR B 127 16.23 7.48 -8.32
N LEU B 128 16.11 6.36 -9.04
CA LEU B 128 16.50 5.07 -8.49
C LEU B 128 18.02 4.96 -8.33
N ARG B 129 18.79 5.58 -9.22
CA ARG B 129 20.24 5.53 -9.09
C ARG B 129 20.72 6.30 -7.88
N GLU B 130 20.09 7.45 -7.60
CA GLU B 130 20.49 8.25 -6.43
C GLU B 130 20.16 7.52 -5.13
N VAL B 131 19.02 6.83 -5.09
CA VAL B 131 18.64 6.09 -3.88
C VAL B 131 19.60 4.94 -3.64
N VAL B 132 19.89 4.15 -4.68
CA VAL B 132 20.81 3.03 -4.54
C VAL B 132 22.17 3.51 -4.06
N ASP B 133 22.69 4.56 -4.70
CA ASP B 133 23.99 5.09 -4.30
C ASP B 133 23.93 5.72 -2.90
N SER B 134 22.78 6.21 -2.49
CA SER B 134 22.65 6.75 -1.13
C SER B 134 22.59 5.63 -0.10
N LEU B 135 22.06 4.47 -0.47
CA LEU B 135 21.97 3.36 0.47
C LEU B 135 23.27 2.57 0.58
N LYS B 136 24.05 2.51 -0.50
CA LYS B 136 25.35 1.85 -0.43
C LYS B 136 26.32 2.56 0.50
N LYS B 137 26.00 3.79 0.94
CA LYS B 137 26.83 4.47 1.92
C LYS B 137 26.82 3.75 3.27
N SER B 138 25.69 3.14 3.63
CA SER B 138 25.57 2.43 4.90
C SER B 138 26.10 1.00 4.84
N GLU B 139 26.67 0.59 3.69
CA GLU B 139 27.23 -0.74 3.48
C GLU B 139 26.25 -1.85 3.84
N PRO B 140 25.23 -2.09 3.03
CA PRO B 140 24.35 -3.24 3.26
C PRO B 140 25.05 -4.54 2.85
N ALA B 141 24.47 -5.65 3.32
CA ALA B 141 24.97 -6.96 2.91
C ALA B 141 24.82 -7.14 1.41
N SER B 142 23.67 -6.76 0.86
CA SER B 142 23.43 -6.73 -0.57
C SER B 142 22.26 -5.79 -0.82
N ILE B 143 22.20 -5.26 -2.04
CA ILE B 143 21.13 -4.35 -2.43
C ILE B 143 20.76 -4.60 -3.89
N LYS B 144 19.47 -4.81 -4.13
CA LYS B 144 18.93 -5.00 -5.47
C LYS B 144 17.68 -4.13 -5.62
N THR B 145 17.14 -4.10 -6.84
CA THR B 145 15.98 -3.28 -7.11
C THR B 145 14.89 -4.11 -7.76
N LEU B 146 13.64 -3.73 -7.48
CA LEU B 146 12.46 -4.39 -8.04
C LEU B 146 11.48 -3.31 -8.44
N VAL B 147 11.13 -3.25 -9.72
CA VAL B 147 10.20 -2.26 -10.24
C VAL B 147 8.99 -2.97 -10.80
N ALA B 148 7.81 -2.38 -10.61
CA ALA B 148 6.60 -2.96 -11.15
C ALA B 148 6.52 -2.72 -12.66
N ILE B 149 6.80 -1.49 -13.09
CA ILE B 149 6.73 -1.12 -14.50
C ILE B 149 8.10 -0.61 -14.93
N ASP B 150 8.68 -1.25 -15.92
CA ASP B 150 9.95 -0.82 -16.49
C ASP B 150 9.70 -0.11 -17.80
N LYS B 151 10.25 1.10 -17.94
CA LYS B 151 10.12 1.92 -19.13
C LYS B 151 11.51 2.07 -19.74
N PRO B 152 12.00 1.04 -20.44
CA PRO B 152 13.42 1.05 -20.83
C PRO B 152 13.80 2.22 -21.73
N GLY B 153 12.93 2.60 -22.66
CA GLY B 153 13.28 3.59 -23.66
C GLY B 153 13.25 5.01 -23.14
N GLY B 154 13.12 5.16 -21.82
CA GLY B 154 13.09 6.46 -21.20
C GLY B 154 14.31 6.83 -20.38
N ARG B 155 15.36 6.03 -20.42
CA ARG B 155 16.52 6.28 -19.56
C ARG B 155 17.26 7.55 -19.96
N LYS B 156 17.64 8.34 -18.96
CA LYS B 156 18.66 9.36 -19.13
C LYS B 156 20.05 8.85 -18.78
N ILE B 157 20.12 7.77 -18.01
CA ILE B 157 21.38 7.08 -17.70
C ILE B 157 21.16 5.59 -17.77
N PRO B 158 22.22 4.84 -18.08
CA PRO B 158 22.09 3.37 -18.10
C PRO B 158 21.83 2.82 -16.70
N PHE B 159 20.84 1.93 -16.61
CA PHE B 159 20.47 1.34 -15.34
C PHE B 159 19.59 0.13 -15.61
N THR B 160 19.79 -0.93 -14.84
CA THR B 160 19.06 -2.18 -14.99
C THR B 160 18.58 -2.66 -13.63
N ALA B 161 17.29 -2.89 -13.50
CA ALA B 161 16.74 -3.43 -12.27
C ALA B 161 16.90 -4.94 -12.25
N GLU B 162 17.22 -5.49 -11.07
CA GLU B 162 17.40 -6.93 -10.95
C GLU B 162 16.10 -7.69 -11.21
N TYR B 163 14.96 -7.12 -10.83
CA TYR B 163 13.67 -7.78 -11.01
C TYR B 163 12.68 -6.80 -11.64
N VAL B 164 11.97 -7.26 -12.66
CA VAL B 164 11.01 -6.44 -13.38
C VAL B 164 9.72 -7.23 -13.53
N VAL B 165 8.61 -6.63 -13.11
CA VAL B 165 7.31 -7.30 -13.22
C VAL B 165 6.81 -7.27 -14.65
N ALA B 166 6.86 -6.10 -15.29
CA ALA B 166 6.36 -5.96 -16.66
C ALA B 166 7.03 -4.77 -17.32
N ASP B 167 7.07 -4.81 -18.65
CA ASP B 167 7.66 -3.75 -19.47
C ASP B 167 6.57 -2.96 -20.18
N VAL B 168 6.87 -1.70 -20.47
CA VAL B 168 5.92 -0.80 -21.11
C VAL B 168 6.67 0.05 -22.13
N PRO B 169 6.10 0.30 -23.32
CA PRO B 169 6.74 1.22 -24.27
C PRO B 169 6.69 2.65 -23.75
N ASN B 170 7.38 3.54 -24.47
CA ASN B 170 7.45 4.95 -24.07
C ASN B 170 6.10 5.60 -24.30
N VAL B 171 5.19 5.37 -23.35
CA VAL B 171 3.85 5.95 -23.38
C VAL B 171 3.42 6.19 -21.93
N PHE B 172 2.79 7.34 -21.69
CA PHE B 172 2.38 7.68 -20.33
C PHE B 172 1.23 6.80 -19.89
N VAL B 173 1.41 6.09 -18.79
CA VAL B 173 0.40 5.21 -18.25
C VAL B 173 0.03 5.65 -16.85
N VAL B 174 -1.11 5.16 -16.37
CA VAL B 174 -1.59 5.43 -15.02
C VAL B 174 -2.14 4.13 -14.44
N GLY B 175 -2.42 4.15 -13.14
CA GLY B 175 -2.97 2.99 -12.48
C GLY B 175 -1.92 2.22 -11.70
N TYR B 176 -2.39 1.40 -10.77
CA TYR B 176 -1.55 0.58 -9.90
C TYR B 176 -0.51 1.43 -9.17
N GLY B 177 -0.93 2.62 -8.75
CA GLY B 177 -0.08 3.57 -8.07
C GLY B 177 0.39 4.72 -8.95
N LEU B 178 0.53 4.49 -10.25
CA LEU B 178 0.91 5.54 -11.16
C LEU B 178 -0.21 6.57 -11.32
N ASP B 179 0.15 7.84 -11.27
CA ASP B 179 -0.82 8.92 -11.20
C ASP B 179 -0.67 9.86 -12.39
N TYR B 180 -1.79 10.48 -12.76
CA TYR B 180 -1.83 11.65 -13.62
C TYR B 180 -2.31 12.81 -12.75
N ASP B 181 -1.38 13.68 -12.34
CA ASP B 181 -1.65 14.78 -11.43
C ASP B 181 -2.37 14.29 -10.17
N GLN B 182 -1.74 13.32 -9.52
CA GLN B 182 -2.15 12.75 -8.23
C GLN B 182 -3.47 12.00 -8.30
N SER B 183 -4.03 11.78 -9.48
CA SER B 183 -5.27 11.03 -9.62
C SER B 183 -5.02 9.72 -10.37
N TYR B 184 -6.02 8.85 -10.33
CA TYR B 184 -6.06 7.56 -11.01
C TYR B 184 -5.08 6.55 -10.44
N ARG B 185 -4.45 6.81 -9.29
CA ARG B 185 -3.63 5.78 -8.66
C ARG B 185 -4.45 4.56 -8.31
N GLU B 186 -5.72 4.76 -7.96
CA GLU B 186 -6.59 3.68 -7.50
C GLU B 186 -7.07 2.76 -8.62
N VAL B 187 -6.75 3.07 -9.88
CA VAL B 187 -7.13 2.18 -10.98
C VAL B 187 -6.42 0.85 -10.82
N ARG B 188 -7.18 -0.24 -10.83
CA ARG B 188 -6.61 -1.54 -10.51
C ARG B 188 -5.67 -2.05 -11.59
N ASP B 189 -5.78 -1.55 -12.82
CA ASP B 189 -4.95 -1.98 -13.93
C ASP B 189 -4.07 -0.84 -14.41
N VAL B 190 -3.02 -1.20 -15.15
CA VAL B 190 -2.15 -0.22 -15.79
C VAL B 190 -2.75 0.12 -17.14
N VAL B 191 -3.31 1.32 -17.26
CA VAL B 191 -4.05 1.72 -18.44
C VAL B 191 -3.41 2.96 -19.06
N ILE B 192 -3.86 3.30 -20.25
CA ILE B 192 -3.42 4.50 -20.97
C ILE B 192 -4.62 5.42 -21.11
N LEU B 193 -4.54 6.59 -20.48
CA LEU B 193 -5.66 7.53 -20.50
C LEU B 193 -5.93 8.02 -21.93
N LYS B 194 -7.20 8.27 -22.21
CA LYS B 194 -7.57 8.87 -23.47
C LYS B 194 -6.98 10.28 -23.56
N PRO B 195 -6.68 10.77 -24.77
CA PRO B 195 -6.22 12.16 -24.89
C PRO B 195 -7.25 13.18 -24.43
N SER B 196 -8.54 12.83 -24.45
CA SER B 196 -9.56 13.77 -23.97
C SER B 196 -9.45 14.02 -22.48
N VAL B 197 -8.92 13.06 -21.73
CA VAL B 197 -8.70 13.27 -20.29
C VAL B 197 -7.66 14.36 -20.08
N TYR B 198 -6.54 14.28 -20.81
CA TYR B 198 -5.52 15.32 -20.71
C TYR B 198 -6.07 16.66 -21.20
N GLU B 199 -6.87 16.63 -22.27
CA GLU B 199 -7.37 17.86 -22.86
C GLU B 199 -8.41 18.54 -21.96
N THR B 200 -9.35 17.74 -21.42
CA THR B 200 -10.40 18.31 -20.59
C THR B 200 -9.82 18.90 -19.30
N TRP B 201 -8.95 18.13 -18.63
CA TRP B 201 -8.31 18.65 -17.43
C TRP B 201 -7.36 19.80 -17.76
N GLY B 202 -6.80 19.82 -18.96
CA GLY B 202 -5.94 20.92 -19.36
C GLY B 202 -6.70 22.20 -19.63
N LYS B 203 -7.91 22.10 -20.16
CA LYS B 203 -8.76 23.27 -20.39
C LYS B 203 -9.50 23.72 -19.13
N GLU B 204 -9.55 22.88 -18.10
CA GLU B 204 -9.97 23.29 -16.76
C GLU B 204 -8.92 24.17 -16.07
N LEU B 205 -7.87 24.57 -16.79
CA LEU B 205 -6.81 25.41 -16.24
C LEU B 205 -6.22 24.80 -14.96
#